data_1P6W
#
_entry.id   1P6W
#
_cell.length_a   93.430
_cell.length_b   72.100
_cell.length_c   60.880
_cell.angle_alpha   90.00
_cell.angle_beta   90.00
_cell.angle_gamma   90.00
#
_symmetry.space_group_name_H-M   'P 21 21 2'
#
loop_
_entity.id
_entity.type
_entity.pdbx_description
1 polymer 'PROTEIN (Alpha-amylase type A isozyme)'
2 branched 'beta-D-glucopyranose-(1-4)-4-thio-beta-D-glucopyranose-(1-4)-4-thio-beta-D-glucopyranose-(1-4)-methyl 4-thio-beta-D-glucopyranoside'
3 branched alpha-D-glucopyranose-(1-4)-4-thio-beta-D-glucopyranose
4 non-polymer 'CALCIUM ION'
5 water water
#
_entity_poly.entity_id   1
_entity_poly.type   'polypeptide(L)'
_entity_poly.pdbx_seq_one_letter_code
;HQVLFQGFNWESWKQSGGWYNMMMGKVDDIAAAGVTHVWLPPPSHSVSNEGYMPGRLYDIDASKYGNAAELKSLIGALHG
KGVQAIADIVINHRCADYKDSRGIYCIFEGGTSDGRLDWGPHMICRDDTKYSDGTANLDTGADFAAAPDIDHLNDRVQRE
LKEWLLWLKSDLGFDAWRLDFARGYSPEMAKVYIDGTSPSLAVAEVWDNMATGGDGKPNYDQDAHRQNLVNWVDKVGGAA
SAGMVFDFTTKGILNAAVEGELWRLIDPQGKAPGVMGWWPAKAVTFVDNHDTGSTQAMWPFPSDKVMQGYAYILTHPGIP
CIFYDHFFNWGFKDQIAALVAIRKRNGITATSALKILMHEGDAYVAEIDGKVVVKIGSRYDVGAVIPAGFVTSAHGNDYA
VWEKN
;
_entity_poly.pdbx_strand_id   A
#
# COMPACT_ATOMS: atom_id res chain seq x y z
N HIS A 1 6.53 10.98 12.83
CA HIS A 1 5.09 10.63 12.67
C HIS A 1 4.77 10.36 11.20
N GLN A 2 4.22 9.19 10.92
CA GLN A 2 3.88 8.82 9.56
C GLN A 2 2.68 7.87 9.55
N VAL A 3 1.64 8.25 8.83
CA VAL A 3 0.42 7.46 8.74
C VAL A 3 -0.14 7.59 7.34
N LEU A 4 -0.20 6.48 6.60
CA LEU A 4 -0.73 6.50 5.24
C LEU A 4 -2.25 6.33 5.22
N PHE A 5 -2.85 6.70 4.10
CA PHE A 5 -4.30 6.61 3.92
C PHE A 5 -4.58 6.31 2.46
N GLN A 6 -5.21 5.16 2.18
CA GLN A 6 -5.54 4.85 0.81
C GLN A 6 -6.80 5.67 0.49
N GLY A 7 -6.65 6.62 -0.43
CA GLY A 7 -7.74 7.51 -0.78
C GLY A 7 -8.64 7.09 -1.91
N PHE A 8 -9.02 5.81 -1.94
CA PHE A 8 -9.90 5.29 -2.97
C PHE A 8 -10.19 3.81 -2.77
N ASN A 9 -11.17 3.31 -3.50
CA ASN A 9 -11.51 1.91 -3.45
C ASN A 9 -11.80 1.44 -4.88
N TRP A 10 -12.20 0.19 -5.03
CA TRP A 10 -12.47 -0.38 -6.34
C TRP A 10 -13.65 0.25 -7.10
N GLU A 11 -14.49 1.00 -6.37
CA GLU A 11 -15.67 1.62 -6.98
C GLU A 11 -15.50 3.11 -7.20
N SER A 12 -14.37 3.66 -6.78
CA SER A 12 -14.10 5.09 -6.88
C SER A 12 -14.23 5.70 -8.28
N TRP A 13 -13.83 4.99 -9.31
CA TRP A 13 -13.93 5.56 -10.65
C TRP A 13 -15.36 5.90 -11.04
N LYS A 14 -16.33 5.23 -10.41
CA LYS A 14 -17.75 5.47 -10.71
C LYS A 14 -18.34 6.71 -10.07
N GLN A 15 -17.61 7.30 -9.12
CA GLN A 15 -18.07 8.48 -8.40
C GLN A 15 -18.66 9.57 -9.30
N SER A 16 -19.90 9.96 -9.00
CA SER A 16 -20.59 10.97 -9.76
C SER A 16 -19.87 12.31 -9.63
N GLY A 17 -19.57 12.93 -10.77
CA GLY A 17 -18.89 14.21 -10.76
C GLY A 17 -17.38 14.12 -10.67
N GLY A 18 -16.83 12.91 -10.56
CA GLY A 18 -15.38 12.75 -10.45
C GLY A 18 -14.93 12.44 -9.03
N TRP A 19 -14.09 11.41 -8.89
CA TRP A 19 -13.60 11.01 -7.57
C TRP A 19 -12.75 12.08 -6.89
N TYR A 20 -11.79 12.64 -7.63
CA TYR A 20 -10.94 13.68 -7.06
C TYR A 20 -11.79 14.87 -6.59
N ASN A 21 -12.80 15.23 -7.37
CA ASN A 21 -13.64 16.35 -6.98
C ASN A 21 -14.34 16.07 -5.67
N MET A 22 -14.85 14.85 -5.54
CA MET A 22 -15.53 14.41 -4.31
C MET A 22 -14.53 14.45 -3.14
N MET A 23 -13.33 13.94 -3.38
CA MET A 23 -12.28 13.91 -2.38
C MET A 23 -11.91 15.29 -1.80
N MET A 24 -12.17 16.36 -2.55
CA MET A 24 -11.85 17.70 -2.05
C MET A 24 -12.61 17.90 -0.74
N GLY A 25 -13.81 17.32 -0.67
CA GLY A 25 -14.63 17.45 0.53
C GLY A 25 -14.21 16.51 1.66
N LYS A 26 -13.19 15.71 1.42
CA LYS A 26 -12.69 14.76 2.41
C LYS A 26 -11.31 15.16 2.96
N VAL A 27 -10.60 16.03 2.23
CA VAL A 27 -9.26 16.47 2.63
C VAL A 27 -9.12 16.88 4.10
N ASP A 28 -9.98 17.79 4.55
CA ASP A 28 -9.91 18.27 5.93
C ASP A 28 -9.99 17.17 6.98
N ASP A 29 -10.93 16.24 6.82
CA ASP A 29 -11.07 15.12 7.76
C ASP A 29 -9.82 14.24 7.76
N ILE A 30 -9.30 13.98 6.57
CA ILE A 30 -8.11 13.16 6.44
C ILE A 30 -6.95 13.81 7.18
N ALA A 31 -6.76 15.12 6.97
CA ALA A 31 -5.67 15.83 7.62
C ALA A 31 -5.85 15.88 9.14
N ALA A 32 -7.05 16.22 9.59
CA ALA A 32 -7.33 16.31 11.01
C ALA A 32 -7.19 14.96 11.72
N ALA A 33 -7.24 13.89 10.94
CA ALA A 33 -7.12 12.55 11.50
C ALA A 33 -5.65 12.16 11.70
N GLY A 34 -4.74 13.09 11.41
CA GLY A 34 -3.31 12.80 11.57
C GLY A 34 -2.63 12.06 10.43
N VAL A 35 -3.29 11.99 9.28
CA VAL A 35 -2.72 11.32 8.10
C VAL A 35 -1.62 12.19 7.51
N THR A 36 -0.51 11.57 7.10
CA THR A 36 0.60 12.31 6.53
C THR A 36 0.79 12.05 5.04
N HIS A 37 0.23 10.94 4.55
CA HIS A 37 0.35 10.58 3.13
C HIS A 37 -0.92 9.96 2.59
N VAL A 38 -1.40 10.44 1.44
CA VAL A 38 -2.61 9.89 0.85
C VAL A 38 -2.29 9.21 -0.47
N TRP A 39 -2.56 7.90 -0.52
CA TRP A 39 -2.33 7.10 -1.72
C TRP A 39 -3.50 7.25 -2.70
N LEU A 40 -3.21 7.83 -3.88
CA LEU A 40 -4.22 8.03 -4.91
C LEU A 40 -4.04 6.99 -6.04
N PRO A 41 -5.13 6.69 -6.76
CA PRO A 41 -5.14 5.71 -7.86
C PRO A 41 -4.32 6.05 -9.10
N PRO A 42 -4.07 5.03 -9.96
CA PRO A 42 -3.30 5.24 -11.20
C PRO A 42 -3.96 6.44 -11.87
N PRO A 43 -3.20 7.50 -12.15
CA PRO A 43 -3.77 8.70 -12.77
C PRO A 43 -3.91 8.78 -14.28
N SER A 44 -3.21 7.92 -15.01
CA SER A 44 -3.24 7.95 -16.48
C SER A 44 -4.38 7.21 -17.14
N HIS A 45 -4.56 7.50 -18.42
CA HIS A 45 -5.55 6.83 -19.24
C HIS A 45 -5.27 5.34 -19.08
N SER A 46 -6.31 4.54 -18.93
CA SER A 46 -6.18 3.11 -18.76
C SER A 46 -7.28 2.41 -19.54
N VAL A 47 -6.96 1.25 -20.12
CA VAL A 47 -7.97 0.49 -20.86
C VAL A 47 -9.08 0.08 -19.89
N SER A 48 -8.68 -0.25 -18.67
CA SER A 48 -9.60 -0.64 -17.61
C SER A 48 -9.93 0.61 -16.81
N ASN A 49 -11.20 0.75 -16.40
CA ASN A 49 -11.65 1.93 -15.67
C ASN A 49 -10.93 2.25 -14.36
N GLU A 50 -10.51 1.23 -13.61
CA GLU A 50 -9.82 1.50 -12.35
C GLU A 50 -8.40 2.01 -12.57
N GLY A 51 -7.92 1.95 -13.81
CA GLY A 51 -6.60 2.45 -14.12
C GLY A 51 -5.41 1.50 -14.10
N TYR A 52 -5.62 0.23 -13.75
CA TYR A 52 -4.50 -0.69 -13.69
C TYR A 52 -4.06 -1.29 -15.01
N MET A 53 -4.54 -0.71 -16.10
CA MET A 53 -4.12 -1.13 -17.44
C MET A 53 -3.83 0.14 -18.20
N PRO A 54 -2.86 0.92 -17.72
CA PRO A 54 -2.43 2.18 -18.30
C PRO A 54 -1.98 2.05 -19.76
N GLY A 55 -2.19 3.12 -20.52
CA GLY A 55 -1.79 3.16 -21.92
C GLY A 55 -1.03 4.45 -22.13
N ARG A 56 -1.76 5.53 -22.35
CA ARG A 56 -1.15 6.84 -22.54
C ARG A 56 -0.81 7.45 -21.18
N LEU A 57 0.38 7.13 -20.67
CA LEU A 57 0.81 7.60 -19.35
C LEU A 57 0.71 9.10 -19.07
N TYR A 58 0.93 9.92 -20.08
CA TYR A 58 0.86 11.37 -19.90
C TYR A 58 -0.56 11.90 -20.05
N ASP A 59 -1.46 11.07 -20.56
CA ASP A 59 -2.85 11.46 -20.76
C ASP A 59 -3.63 11.33 -19.46
N ILE A 60 -3.49 12.33 -18.61
CA ILE A 60 -4.15 12.34 -17.32
C ILE A 60 -5.62 12.72 -17.50
N ASP A 61 -5.89 13.61 -18.45
CA ASP A 61 -7.26 14.04 -18.70
C ASP A 61 -8.19 12.91 -19.13
N ALA A 62 -7.65 11.78 -19.56
CA ALA A 62 -8.51 10.67 -19.98
C ALA A 62 -8.93 9.75 -18.82
N SER A 63 -8.39 9.99 -17.63
CA SER A 63 -8.70 9.15 -16.46
C SER A 63 -10.16 9.20 -16.05
N LYS A 64 -10.66 8.08 -15.52
CA LYS A 64 -12.05 8.01 -15.07
C LYS A 64 -12.16 8.68 -13.70
N TYR A 65 -11.02 8.94 -13.07
CA TYR A 65 -10.99 9.56 -11.76
C TYR A 65 -11.11 11.08 -11.81
N GLY A 66 -10.74 11.66 -12.94
CA GLY A 66 -10.78 13.10 -13.13
C GLY A 66 -9.60 13.48 -14.01
N ASN A 67 -9.57 14.73 -14.50
CA ASN A 67 -8.47 15.17 -15.36
C ASN A 67 -7.29 15.75 -14.57
N ALA A 68 -6.27 16.20 -15.28
CA ALA A 68 -5.09 16.77 -14.62
C ALA A 68 -5.43 17.94 -13.70
N ALA A 69 -6.30 18.82 -14.17
CA ALA A 69 -6.65 19.99 -13.37
C ALA A 69 -7.28 19.59 -12.04
N GLU A 70 -8.23 18.66 -12.08
CA GLU A 70 -8.90 18.23 -10.86
C GLU A 70 -7.94 17.51 -9.91
N LEU A 71 -7.02 16.73 -10.47
CA LEU A 71 -6.05 16.00 -9.65
C LEU A 71 -5.09 16.96 -8.97
N LYS A 72 -4.63 17.97 -9.72
CA LYS A 72 -3.71 18.97 -9.19
C LYS A 72 -4.39 19.76 -8.07
N SER A 73 -5.70 19.94 -8.21
CA SER A 73 -6.46 20.66 -7.19
C SER A 73 -6.44 19.84 -5.91
N LEU A 74 -6.72 18.54 -6.04
CA LEU A 74 -6.74 17.63 -4.90
C LEU A 74 -5.37 17.56 -4.21
N ILE A 75 -4.32 17.39 -5.00
CA ILE A 75 -2.97 17.34 -4.46
C ILE A 75 -2.64 18.68 -3.80
N GLY A 76 -3.06 19.77 -4.45
CA GLY A 76 -2.80 21.08 -3.89
C GLY A 76 -3.49 21.22 -2.55
N ALA A 77 -4.73 20.77 -2.49
CA ALA A 77 -5.50 20.82 -1.26
C ALA A 77 -4.81 20.00 -0.16
N LEU A 78 -4.37 18.78 -0.49
CA LEU A 78 -3.69 17.94 0.50
C LEU A 78 -2.43 18.65 0.98
N HIS A 79 -1.64 19.15 0.03
CA HIS A 79 -0.42 19.87 0.39
C HIS A 79 -0.72 21.09 1.27
N GLY A 80 -1.88 21.70 1.07
CA GLY A 80 -2.25 22.87 1.85
C GLY A 80 -2.45 22.50 3.30
N LYS A 81 -2.72 21.22 3.53
CA LYS A 81 -2.93 20.68 4.85
C LYS A 81 -1.71 19.90 5.35
N GLY A 82 -0.61 20.01 4.62
CA GLY A 82 0.60 19.32 5.03
C GLY A 82 0.58 17.82 4.74
N VAL A 83 -0.31 17.41 3.87
CA VAL A 83 -0.40 15.99 3.52
C VAL A 83 0.22 15.73 2.15
N GLN A 84 1.06 14.70 2.07
CA GLN A 84 1.70 14.34 0.82
C GLN A 84 0.80 13.44 -0.01
N ALA A 85 1.09 13.35 -1.30
CA ALA A 85 0.33 12.53 -2.23
C ALA A 85 1.20 11.41 -2.81
N ILE A 86 0.71 10.18 -2.71
CA ILE A 86 1.41 9.03 -3.25
C ILE A 86 0.67 8.60 -4.50
N ALA A 87 1.40 8.41 -5.61
CA ALA A 87 0.77 7.99 -6.84
C ALA A 87 0.88 6.49 -7.00
N ASP A 88 -0.18 5.86 -7.50
CA ASP A 88 -0.15 4.43 -7.73
C ASP A 88 0.54 4.28 -9.08
N ILE A 89 1.78 3.78 -9.05
CA ILE A 89 2.58 3.61 -10.26
C ILE A 89 2.42 2.21 -10.81
N VAL A 90 1.83 2.10 -12.00
CA VAL A 90 1.60 0.81 -12.63
C VAL A 90 2.49 0.72 -13.86
N ILE A 91 3.67 0.11 -13.72
CA ILE A 91 4.58 0.02 -14.86
C ILE A 91 5.03 -1.38 -15.26
N ASN A 92 4.53 -2.41 -14.56
CA ASN A 92 4.92 -3.77 -14.93
C ASN A 92 4.43 -4.03 -16.34
N HIS A 93 3.19 -3.64 -16.60
CA HIS A 93 2.59 -3.84 -17.89
C HIS A 93 2.03 -2.51 -18.43
N ARG A 94 1.63 -2.53 -19.69
CA ARG A 94 1.09 -1.33 -20.34
C ARG A 94 0.34 -1.72 -21.60
N CYS A 95 -0.80 -1.10 -21.84
CA CYS A 95 -1.58 -1.39 -23.04
C CYS A 95 -1.18 -0.45 -24.19
N ALA A 96 -1.06 -1.01 -25.38
CA ALA A 96 -0.68 -0.24 -26.55
C ALA A 96 -1.93 0.23 -27.28
N ASP A 97 -1.99 1.52 -27.57
CA ASP A 97 -3.14 2.10 -28.25
C ASP A 97 -3.34 1.59 -29.68
N TYR A 98 -2.26 1.42 -30.42
CA TYR A 98 -2.40 1.01 -31.82
C TYR A 98 -1.80 -0.33 -32.24
N LYS A 99 -2.19 -0.80 -33.42
CA LYS A 99 -1.72 -2.07 -33.96
C LYS A 99 -0.55 -1.91 -34.90
N ASP A 100 0.32 -2.91 -34.96
CA ASP A 100 1.44 -2.87 -35.88
C ASP A 100 1.03 -3.62 -37.14
N SER A 101 1.97 -3.83 -38.06
CA SER A 101 1.66 -4.52 -39.31
C SER A 101 1.23 -5.97 -39.12
N ARG A 102 1.32 -6.47 -37.89
CA ARG A 102 0.94 -7.85 -37.57
C ARG A 102 -0.48 -7.90 -37.02
N GLY A 103 -1.09 -6.73 -36.88
CA GLY A 103 -2.45 -6.68 -36.33
C GLY A 103 -2.45 -6.84 -34.82
N ILE A 104 -1.26 -6.69 -34.23
CA ILE A 104 -1.12 -6.84 -32.78
C ILE A 104 -1.01 -5.47 -32.10
N TYR A 105 -1.75 -5.30 -31.00
CA TYR A 105 -1.69 -4.04 -30.25
C TYR A 105 -0.37 -3.96 -29.51
N CYS A 106 0.63 -3.39 -30.17
CA CYS A 106 1.95 -3.25 -29.60
C CYS A 106 2.63 -1.94 -29.99
N ILE A 107 1.86 -1.01 -30.54
CA ILE A 107 2.38 0.32 -30.89
C ILE A 107 1.82 1.26 -29.83
N PHE A 108 2.68 1.65 -28.90
CA PHE A 108 2.30 2.51 -27.78
C PHE A 108 2.28 4.01 -28.06
N GLU A 109 1.45 4.71 -27.32
CA GLU A 109 1.34 6.17 -27.42
C GLU A 109 1.41 6.74 -26.01
N GLY A 110 2.42 7.56 -25.74
CA GLY A 110 2.60 8.14 -24.42
C GLY A 110 1.63 9.23 -24.01
N GLY A 111 1.03 9.92 -24.99
CA GLY A 111 0.08 10.97 -24.67
C GLY A 111 0.54 12.39 -24.98
N THR A 112 1.73 12.52 -25.56
CA THR A 112 2.26 13.82 -25.94
C THR A 112 2.48 13.84 -27.45
N SER A 113 2.75 15.03 -28.00
CA SER A 113 2.97 15.16 -29.44
C SER A 113 4.26 14.52 -29.94
N ASP A 114 5.28 14.42 -29.10
CA ASP A 114 6.52 13.81 -29.54
C ASP A 114 6.55 12.29 -29.29
N GLY A 115 7.73 11.69 -29.41
CA GLY A 115 7.85 10.25 -29.23
C GLY A 115 7.96 9.70 -27.82
N ARG A 116 7.71 10.52 -26.81
CA ARG A 116 7.82 10.06 -25.42
C ARG A 116 6.88 8.90 -25.13
N LEU A 117 7.46 7.76 -24.77
CA LEU A 117 6.71 6.55 -24.44
C LEU A 117 6.01 5.94 -25.65
N ASP A 118 6.37 6.41 -26.84
CA ASP A 118 5.78 5.90 -28.07
C ASP A 118 6.55 4.63 -28.44
N TRP A 119 6.53 3.64 -27.55
CA TRP A 119 7.25 2.38 -27.78
C TRP A 119 6.61 1.47 -28.81
N GLY A 120 7.30 0.35 -29.06
CA GLY A 120 6.82 -0.65 -30.00
C GLY A 120 7.04 -1.99 -29.33
N PRO A 121 6.87 -3.12 -30.05
CA PRO A 121 7.07 -4.42 -29.42
C PRO A 121 8.49 -4.69 -28.93
N HIS A 122 9.46 -3.89 -29.38
CA HIS A 122 10.83 -4.07 -28.91
C HIS A 122 10.92 -3.78 -27.41
N MET A 123 9.93 -3.09 -26.87
CA MET A 123 9.92 -2.77 -25.44
C MET A 123 9.10 -3.79 -24.64
N ILE A 124 8.58 -4.81 -25.32
CA ILE A 124 7.78 -5.83 -24.67
C ILE A 124 8.60 -7.08 -24.41
N CYS A 125 8.69 -7.49 -23.14
CA CYS A 125 9.45 -8.68 -22.76
C CYS A 125 9.26 -9.73 -23.85
N ARG A 126 10.37 -10.22 -24.41
CA ARG A 126 10.24 -11.19 -25.49
C ARG A 126 9.48 -12.46 -25.09
N ASP A 127 9.57 -12.87 -23.83
CA ASP A 127 8.87 -14.09 -23.43
C ASP A 127 7.36 -13.89 -23.29
N ASP A 128 6.88 -12.68 -23.55
CA ASP A 128 5.45 -12.39 -23.54
C ASP A 128 5.09 -12.44 -25.02
N THR A 129 5.11 -13.66 -25.56
CA THR A 129 4.87 -13.91 -26.98
C THR A 129 3.52 -13.48 -27.57
N LYS A 130 2.54 -13.16 -26.73
CA LYS A 130 1.26 -12.71 -27.25
C LYS A 130 1.42 -11.34 -27.93
N TYR A 131 2.43 -10.59 -27.50
CA TYR A 131 2.65 -9.24 -28.03
C TYR A 131 4.05 -8.96 -28.57
N SER A 132 5.07 -9.54 -27.94
CA SER A 132 6.46 -9.30 -28.32
C SER A 132 6.80 -9.62 -29.78
N ASP A 133 7.96 -9.12 -30.21
CA ASP A 133 8.44 -9.38 -31.56
C ASP A 133 9.73 -10.19 -31.42
N GLY A 134 9.94 -10.69 -30.20
CA GLY A 134 11.08 -11.52 -29.87
C GLY A 134 12.43 -10.83 -29.70
N THR A 135 12.48 -9.51 -29.90
CA THR A 135 13.75 -8.76 -29.81
C THR A 135 14.17 -8.20 -28.45
N ALA A 136 13.26 -8.15 -27.48
CA ALA A 136 13.57 -7.61 -26.16
C ALA A 136 14.23 -8.60 -25.23
N ASN A 137 14.48 -8.14 -24.00
CA ASN A 137 15.07 -8.96 -22.96
C ASN A 137 13.94 -9.81 -22.38
N LEU A 138 14.32 -10.79 -21.57
CA LEU A 138 13.35 -11.65 -20.91
C LEU A 138 12.78 -10.84 -19.73
N ASP A 139 11.53 -11.12 -19.37
CA ASP A 139 10.90 -10.41 -18.26
C ASP A 139 11.76 -10.58 -17.00
N THR A 140 11.90 -9.55 -16.19
CA THR A 140 12.68 -9.67 -14.96
C THR A 140 11.82 -10.15 -13.80
N GLY A 141 10.53 -10.33 -14.07
CA GLY A 141 9.62 -10.79 -13.04
C GLY A 141 8.41 -11.48 -13.64
N ALA A 142 7.37 -11.65 -12.82
CA ALA A 142 6.14 -12.30 -13.24
C ALA A 142 5.46 -11.51 -14.35
N ASP A 143 4.55 -12.19 -15.03
CA ASP A 143 3.81 -11.61 -16.13
C ASP A 143 2.37 -11.29 -15.74
N PHE A 144 1.80 -10.28 -16.40
CA PHE A 144 0.41 -9.90 -16.21
C PHE A 144 -0.21 -10.40 -17.52
N ALA A 145 -1.03 -11.44 -17.42
CA ALA A 145 -1.61 -12.07 -18.61
C ALA A 145 -2.42 -11.21 -19.58
N ALA A 146 -3.19 -10.25 -19.07
CA ALA A 146 -4.06 -9.42 -19.91
C ALA A 146 -3.45 -8.23 -20.65
N ALA A 147 -2.14 -8.04 -20.55
CA ALA A 147 -1.50 -6.91 -21.23
C ALA A 147 0.00 -7.09 -21.44
N PRO A 148 0.57 -6.32 -22.39
CA PRO A 148 2.00 -6.42 -22.64
C PRO A 148 2.82 -6.11 -21.40
N ASP A 149 3.78 -6.97 -21.08
CA ASP A 149 4.67 -6.73 -19.96
C ASP A 149 5.87 -5.98 -20.52
N ILE A 150 6.28 -4.93 -19.81
CA ILE A 150 7.37 -4.07 -20.24
C ILE A 150 8.79 -4.53 -19.86
N ASP A 151 9.69 -4.45 -20.84
CA ASP A 151 11.08 -4.83 -20.64
C ASP A 151 11.85 -3.71 -19.96
N HIS A 152 11.89 -3.74 -18.64
CA HIS A 152 12.58 -2.70 -17.88
C HIS A 152 14.08 -2.70 -18.02
N LEU A 153 14.61 -3.70 -18.73
CA LEU A 153 16.04 -3.77 -18.93
C LEU A 153 16.35 -2.89 -20.13
N ASN A 154 15.31 -2.50 -20.86
CA ASN A 154 15.48 -1.64 -22.03
C ASN A 154 15.86 -0.23 -21.58
N ASP A 155 16.97 0.27 -22.13
CA ASP A 155 17.48 1.59 -21.77
C ASP A 155 16.49 2.75 -21.98
N ARG A 156 15.82 2.76 -23.12
CA ARG A 156 14.87 3.83 -23.40
C ARG A 156 13.68 3.79 -22.45
N VAL A 157 13.27 2.58 -22.07
CA VAL A 157 12.15 2.39 -21.16
C VAL A 157 12.49 2.98 -19.79
N GLN A 158 13.69 2.68 -19.31
CA GLN A 158 14.13 3.19 -18.03
C GLN A 158 14.17 4.72 -18.10
N ARG A 159 14.81 5.25 -19.14
CA ARG A 159 14.92 6.70 -19.29
C ARG A 159 13.58 7.40 -19.30
N GLU A 160 12.70 6.97 -20.21
CA GLU A 160 11.41 7.63 -20.34
C GLU A 160 10.47 7.45 -19.16
N LEU A 161 10.42 6.25 -18.57
CA LEU A 161 9.55 6.06 -17.41
C LEU A 161 10.01 6.97 -16.27
N LYS A 162 11.33 7.10 -16.10
CA LYS A 162 11.87 7.98 -15.06
C LYS A 162 11.51 9.44 -15.33
N GLU A 163 11.54 9.84 -16.61
CA GLU A 163 11.19 11.20 -17.01
C GLU A 163 9.72 11.45 -16.71
N TRP A 164 8.91 10.44 -17.00
CA TRP A 164 7.48 10.52 -16.75
C TRP A 164 7.26 10.67 -15.24
N LEU A 165 7.91 9.80 -14.47
CA LEU A 165 7.78 9.84 -13.02
C LEU A 165 8.12 11.21 -12.47
N LEU A 166 9.23 11.79 -12.95
CA LEU A 166 9.62 13.11 -12.48
C LEU A 166 8.58 14.13 -12.87
N TRP A 167 7.91 13.89 -14.00
CA TRP A 167 6.86 14.78 -14.50
C TRP A 167 5.64 14.74 -13.56
N LEU A 168 5.29 13.56 -13.08
CA LEU A 168 4.18 13.40 -12.15
C LEU A 168 4.44 14.26 -10.91
N LYS A 169 5.70 14.36 -10.51
CA LYS A 169 6.08 15.18 -9.36
C LYS A 169 6.03 16.68 -9.69
N SER A 170 6.79 17.09 -10.69
CA SER A 170 6.87 18.51 -11.06
C SER A 170 5.59 19.12 -11.63
N ASP A 171 4.89 18.37 -12.47
CA ASP A 171 3.68 18.92 -13.08
C ASP A 171 2.40 18.69 -12.27
N LEU A 172 2.26 17.53 -11.64
CA LEU A 172 1.05 17.24 -10.86
C LEU A 172 1.21 17.47 -9.36
N GLY A 173 2.44 17.34 -8.86
CA GLY A 173 2.68 17.56 -7.46
C GLY A 173 2.89 16.34 -6.59
N PHE A 174 2.89 15.14 -7.18
CA PHE A 174 3.08 13.92 -6.41
C PHE A 174 4.41 13.91 -5.64
N ASP A 175 4.36 13.35 -4.43
CA ASP A 175 5.52 13.29 -3.55
C ASP A 175 6.19 11.93 -3.48
N ALA A 176 5.42 10.88 -3.67
CA ALA A 176 5.96 9.54 -3.56
C ALA A 176 5.20 8.53 -4.40
N TRP A 177 5.70 7.30 -4.40
CA TRP A 177 5.07 6.26 -5.20
C TRP A 177 4.60 5.04 -4.42
N ARG A 178 3.67 4.35 -5.04
CA ARG A 178 3.15 3.07 -4.56
C ARG A 178 3.40 2.21 -5.81
N LEU A 179 4.28 1.22 -5.71
CA LEU A 179 4.59 0.38 -6.86
C LEU A 179 3.67 -0.81 -7.03
N ASP A 180 2.82 -0.73 -8.04
CA ASP A 180 1.85 -1.78 -8.34
C ASP A 180 2.51 -3.07 -8.85
N PHE A 181 1.99 -4.21 -8.41
CA PHE A 181 2.46 -5.53 -8.86
C PHE A 181 3.98 -5.56 -9.00
N ALA A 182 4.67 -5.18 -7.92
CA ALA A 182 6.13 -5.17 -7.94
C ALA A 182 6.74 -6.54 -8.18
N ARG A 183 5.95 -7.60 -8.08
CA ARG A 183 6.50 -8.93 -8.35
C ARG A 183 6.62 -9.09 -9.88
N GLY A 184 6.00 -8.16 -10.61
CA GLY A 184 6.05 -8.20 -12.06
C GLY A 184 7.47 -7.95 -12.58
N TYR A 185 8.29 -7.32 -11.76
CA TYR A 185 9.67 -7.05 -12.15
C TYR A 185 10.60 -7.16 -10.95
N SER A 186 11.89 -7.28 -11.21
CA SER A 186 12.87 -7.44 -10.15
C SER A 186 13.03 -6.26 -9.21
N PRO A 187 13.54 -6.52 -8.01
CA PRO A 187 13.73 -5.40 -7.08
C PRO A 187 14.82 -4.49 -7.67
N GLU A 188 15.71 -5.07 -8.49
CA GLU A 188 16.80 -4.32 -9.13
C GLU A 188 16.21 -3.24 -10.06
N MET A 189 15.17 -3.62 -10.80
CA MET A 189 14.51 -2.68 -11.70
C MET A 189 13.75 -1.64 -10.87
N ALA A 190 13.13 -2.06 -9.77
CA ALA A 190 12.43 -1.12 -8.92
C ALA A 190 13.43 -0.10 -8.41
N LYS A 191 14.65 -0.58 -8.13
CA LYS A 191 15.74 0.27 -7.65
C LYS A 191 16.03 1.40 -8.63
N VAL A 192 16.07 1.06 -9.92
CA VAL A 192 16.33 2.05 -10.95
C VAL A 192 15.35 3.22 -10.81
N TYR A 193 14.05 2.92 -10.79
CA TYR A 193 13.03 3.96 -10.71
C TYR A 193 12.99 4.69 -9.38
N ILE A 194 13.15 3.96 -8.28
CA ILE A 194 13.14 4.57 -6.95
C ILE A 194 14.32 5.53 -6.82
N ASP A 195 15.54 5.00 -6.95
CA ASP A 195 16.76 5.79 -6.85
C ASP A 195 16.77 6.95 -7.84
N GLY A 196 16.19 6.72 -9.01
CA GLY A 196 16.17 7.74 -10.05
C GLY A 196 15.12 8.82 -9.99
N THR A 197 14.18 8.74 -9.04
CA THR A 197 13.13 9.75 -8.97
C THR A 197 12.95 10.34 -7.57
N SER A 198 13.81 9.94 -6.65
CA SER A 198 13.79 10.41 -5.27
C SER A 198 12.42 10.75 -4.69
N PRO A 199 11.57 9.74 -4.51
CA PRO A 199 10.24 9.98 -3.93
C PRO A 199 10.45 9.99 -2.41
N SER A 200 9.52 10.58 -1.65
CA SER A 200 9.68 10.61 -0.20
C SER A 200 9.65 9.17 0.30
N LEU A 201 8.92 8.33 -0.42
CA LEU A 201 8.83 6.90 -0.12
C LEU A 201 8.28 6.19 -1.34
N ALA A 202 8.52 4.88 -1.42
CA ALA A 202 8.05 4.06 -2.53
C ALA A 202 7.62 2.72 -1.91
N VAL A 203 6.34 2.61 -1.56
CA VAL A 203 5.82 1.41 -0.95
C VAL A 203 5.44 0.45 -2.07
N ALA A 204 6.10 -0.71 -2.08
CA ALA A 204 5.87 -1.71 -3.10
C ALA A 204 4.83 -2.76 -2.74
N GLU A 205 4.07 -3.18 -3.74
CA GLU A 205 3.10 -4.25 -3.53
C GLU A 205 3.82 -5.53 -3.97
N VAL A 206 4.47 -6.18 -3.01
CA VAL A 206 5.16 -7.43 -3.26
C VAL A 206 4.27 -8.46 -2.57
N TRP A 207 3.39 -9.08 -3.34
CA TRP A 207 2.43 -10.03 -2.78
C TRP A 207 2.73 -11.49 -3.10
N ASP A 208 3.22 -12.22 -2.10
CA ASP A 208 3.53 -13.63 -2.27
C ASP A 208 2.45 -14.42 -1.51
N ASN A 209 2.20 -15.64 -1.96
CA ASN A 209 1.20 -16.46 -1.30
C ASN A 209 1.69 -16.85 0.10
N MET A 210 0.76 -16.90 1.04
CA MET A 210 1.10 -17.26 2.41
C MET A 210 0.87 -18.75 2.65
N ALA A 211 1.89 -19.45 3.13
CA ALA A 211 1.81 -20.88 3.40
C ALA A 211 0.70 -21.22 4.41
N THR A 212 -0.13 -22.20 4.07
CA THR A 212 -1.22 -22.61 4.96
C THR A 212 -1.15 -24.10 5.31
N GLY A 213 -1.85 -24.48 6.37
CA GLY A 213 -1.86 -25.87 6.80
C GLY A 213 -3.05 -26.60 6.19
N GLY A 214 -3.16 -27.89 6.50
CA GLY A 214 -4.24 -28.70 5.98
C GLY A 214 -5.64 -28.17 6.22
N ASP A 215 -5.80 -27.29 7.20
CA ASP A 215 -7.10 -26.71 7.53
C ASP A 215 -7.37 -25.39 6.79
N GLY A 216 -6.44 -25.00 5.93
CA GLY A 216 -6.62 -23.76 5.18
C GLY A 216 -6.17 -22.49 5.87
N LYS A 217 -5.85 -22.58 7.16
CA LYS A 217 -5.40 -21.42 7.92
C LYS A 217 -3.90 -21.21 7.71
N PRO A 218 -3.44 -19.95 7.79
CA PRO A 218 -2.01 -19.70 7.60
C PRO A 218 -1.21 -20.39 8.68
N ASN A 219 0.02 -20.80 8.37
CA ASN A 219 0.85 -21.45 9.39
C ASN A 219 1.22 -20.40 10.42
N TYR A 220 1.48 -20.85 11.64
CA TYR A 220 1.89 -19.94 12.71
C TYR A 220 3.23 -19.30 12.31
N ASP A 221 4.13 -20.13 11.78
CA ASP A 221 5.46 -19.69 11.36
C ASP A 221 5.41 -19.10 9.96
N GLN A 222 5.50 -17.77 9.87
CA GLN A 222 5.48 -17.10 8.58
C GLN A 222 6.80 -16.43 8.20
N ASP A 223 7.90 -16.91 8.76
CA ASP A 223 9.21 -16.33 8.48
C ASP A 223 9.60 -16.40 7.01
N ALA A 224 9.24 -17.48 6.33
CA ALA A 224 9.58 -17.60 4.91
C ALA A 224 8.93 -16.45 4.13
N HIS A 225 7.70 -16.12 4.51
CA HIS A 225 6.95 -15.06 3.85
C HIS A 225 7.50 -13.67 4.12
N ARG A 226 7.81 -13.34 5.37
CA ARG A 226 8.35 -12.02 5.64
C ARG A 226 9.83 -11.94 5.25
N GLN A 227 10.49 -13.10 5.12
CA GLN A 227 11.89 -13.10 4.72
C GLN A 227 11.97 -12.61 3.28
N ASN A 228 11.06 -13.12 2.43
CA ASN A 228 11.03 -12.73 1.03
C ASN A 228 10.95 -11.21 0.93
N LEU A 229 10.08 -10.62 1.75
CA LEU A 229 9.88 -9.17 1.77
C LEU A 229 11.13 -8.45 2.26
N VAL A 230 11.77 -8.96 3.30
CA VAL A 230 12.99 -8.34 3.82
C VAL A 230 14.04 -8.36 2.70
N ASN A 231 14.15 -9.49 2.02
CA ASN A 231 15.09 -9.68 0.93
C ASN A 231 14.85 -8.71 -0.21
N TRP A 232 13.57 -8.48 -0.52
CA TRP A 232 13.21 -7.56 -1.58
C TRP A 232 13.73 -6.16 -1.19
N VAL A 233 13.50 -5.75 0.04
CA VAL A 233 13.98 -4.43 0.47
C VAL A 233 15.50 -4.36 0.39
N ASP A 234 16.18 -5.41 0.83
CA ASP A 234 17.65 -5.43 0.77
C ASP A 234 18.12 -5.24 -0.67
N LYS A 235 17.51 -5.99 -1.60
CA LYS A 235 17.89 -5.91 -3.00
C LYS A 235 17.54 -4.58 -3.67
N VAL A 236 16.53 -3.88 -3.15
CA VAL A 236 16.15 -2.61 -3.74
C VAL A 236 17.04 -1.48 -3.20
N GLY A 237 17.86 -1.81 -2.18
CA GLY A 237 18.75 -0.81 -1.60
C GLY A 237 18.79 -0.72 -0.08
N GLY A 238 17.86 -1.40 0.60
CA GLY A 238 17.86 -1.37 2.06
C GLY A 238 17.54 -0.05 2.72
N ALA A 239 18.13 0.17 3.89
CA ALA A 239 17.90 1.38 4.68
C ALA A 239 18.10 2.69 3.94
N ALA A 240 19.09 2.74 3.06
CA ALA A 240 19.37 3.95 2.30
C ALA A 240 18.26 4.26 1.30
N SER A 241 17.67 3.21 0.74
CA SER A 241 16.60 3.38 -0.24
C SER A 241 15.28 3.91 0.32
N ALA A 242 14.54 4.62 -0.53
CA ALA A 242 13.26 5.15 -0.12
C ALA A 242 12.22 4.02 -0.26
N GLY A 243 12.67 2.89 -0.83
CA GLY A 243 11.77 1.76 -1.03
C GLY A 243 11.33 1.08 0.26
N MET A 244 10.10 0.56 0.24
CA MET A 244 9.52 -0.17 1.38
C MET A 244 8.45 -1.13 0.87
N VAL A 245 7.87 -1.93 1.77
CA VAL A 245 6.85 -2.91 1.38
C VAL A 245 5.58 -2.96 2.21
N PHE A 246 4.47 -3.32 1.55
CA PHE A 246 3.20 -3.48 2.26
C PHE A 246 3.42 -4.75 3.07
N ASP A 247 3.05 -4.71 4.34
CA ASP A 247 3.23 -5.85 5.24
C ASP A 247 2.17 -6.92 5.05
N PHE A 248 2.25 -7.65 3.95
CA PHE A 248 1.26 -8.70 3.69
C PHE A 248 1.35 -9.81 4.72
N THR A 249 2.54 -10.02 5.29
CA THR A 249 2.71 -11.06 6.29
C THR A 249 1.82 -10.73 7.50
N THR A 250 1.84 -9.47 7.92
CA THR A 250 1.02 -9.03 9.05
C THR A 250 -0.47 -9.10 8.68
N LYS A 251 -0.78 -8.77 7.44
CA LYS A 251 -2.16 -8.80 6.97
C LYS A 251 -2.72 -10.24 7.03
N GLY A 252 -1.99 -11.21 6.49
CA GLY A 252 -2.46 -12.59 6.50
C GLY A 252 -2.62 -13.16 7.89
N ILE A 253 -1.62 -12.95 8.74
CA ILE A 253 -1.63 -13.42 10.11
C ILE A 253 -2.76 -12.76 10.91
N LEU A 254 -2.85 -11.44 10.83
CA LEU A 254 -3.88 -10.71 11.57
C LEU A 254 -5.30 -11.14 11.14
N ASN A 255 -5.47 -11.45 9.86
CA ASN A 255 -6.75 -11.91 9.32
C ASN A 255 -7.26 -13.09 10.15
N ALA A 256 -6.34 -14.00 10.44
CA ALA A 256 -6.64 -15.21 11.20
C ALA A 256 -6.60 -15.01 12.70
N ALA A 257 -5.59 -14.28 13.16
CA ALA A 257 -5.40 -14.03 14.57
C ALA A 257 -6.62 -13.48 15.31
N VAL A 258 -7.38 -12.57 14.69
CA VAL A 258 -8.56 -11.99 15.35
C VAL A 258 -9.72 -12.97 15.58
N GLU A 259 -9.69 -14.10 14.88
CA GLU A 259 -10.73 -15.10 15.05
C GLU A 259 -10.43 -15.98 16.27
N GLY A 260 -10.19 -15.32 17.40
CA GLY A 260 -9.90 -16.05 18.63
C GLY A 260 -8.60 -16.82 18.64
N GLU A 261 -7.65 -16.41 17.81
CA GLU A 261 -6.35 -17.06 17.78
C GLU A 261 -5.26 -16.00 17.84
N LEU A 262 -5.41 -15.08 18.80
CA LEU A 262 -4.47 -13.99 18.98
C LEU A 262 -3.10 -14.44 19.45
N TRP A 263 -2.93 -15.76 19.63
CA TRP A 263 -1.63 -16.27 20.03
C TRP A 263 -0.69 -16.20 18.81
N ARG A 264 -1.28 -16.01 17.64
CA ARG A 264 -0.51 -15.92 16.39
C ARG A 264 0.29 -14.60 16.30
N LEU A 265 -0.09 -13.62 17.13
CA LEU A 265 0.54 -12.30 17.08
C LEU A 265 1.89 -12.08 17.76
N ILE A 266 2.71 -13.13 17.81
CA ILE A 266 4.04 -13.02 18.39
C ILE A 266 4.87 -14.20 17.88
N ASP A 267 6.15 -13.97 17.61
CA ASP A 267 7.00 -15.07 17.16
C ASP A 267 7.81 -15.58 18.34
N PRO A 268 8.50 -16.72 18.18
CA PRO A 268 9.30 -17.31 19.26
C PRO A 268 10.35 -16.38 19.87
N GLN A 269 10.66 -15.29 19.16
CA GLN A 269 11.65 -14.33 19.63
C GLN A 269 11.01 -13.19 20.42
N GLY A 270 9.69 -13.20 20.51
CA GLY A 270 8.99 -12.15 21.25
C GLY A 270 8.72 -10.89 20.45
N LYS A 271 8.82 -10.99 19.13
CA LYS A 271 8.59 -9.86 18.24
C LYS A 271 7.30 -10.05 17.41
N ALA A 272 6.81 -8.98 16.79
CA ALA A 272 5.63 -9.06 15.94
C ALA A 272 6.00 -10.10 14.88
N PRO A 273 5.03 -10.94 14.47
CA PRO A 273 5.26 -12.00 13.47
C PRO A 273 5.36 -11.57 12.00
N GLY A 274 4.95 -10.34 11.69
CA GLY A 274 5.00 -9.89 10.32
C GLY A 274 6.29 -9.15 10.04
N VAL A 275 6.35 -8.44 8.90
CA VAL A 275 7.53 -7.67 8.55
C VAL A 275 7.77 -6.69 9.67
N MET A 276 6.68 -6.24 10.28
CA MET A 276 6.73 -5.32 11.40
C MET A 276 7.76 -5.75 12.46
N GLY A 277 7.89 -7.05 12.66
CA GLY A 277 8.83 -7.55 13.65
C GLY A 277 10.30 -7.59 13.25
N TRP A 278 10.59 -7.59 11.95
CA TRP A 278 11.97 -7.65 11.49
C TRP A 278 12.52 -6.35 10.88
N TRP A 279 11.67 -5.58 10.20
CA TRP A 279 12.10 -4.32 9.59
C TRP A 279 10.93 -3.32 9.64
N PRO A 280 10.50 -2.93 10.85
CA PRO A 280 9.38 -2.00 11.00
C PRO A 280 9.42 -0.72 10.17
N ALA A 281 10.61 -0.16 9.99
CA ALA A 281 10.79 1.07 9.21
C ALA A 281 10.42 0.87 7.74
N LYS A 282 10.36 -0.39 7.31
CA LYS A 282 10.04 -0.71 5.92
C LYS A 282 8.72 -1.45 5.77
N ALA A 283 7.97 -1.55 6.86
CA ALA A 283 6.70 -2.27 6.86
C ALA A 283 5.47 -1.37 6.88
N VAL A 284 4.75 -1.34 5.77
CA VAL A 284 3.55 -0.54 5.70
C VAL A 284 2.39 -1.49 6.02
N THR A 285 1.83 -1.35 7.20
CA THR A 285 0.74 -2.20 7.64
C THR A 285 -0.62 -1.70 7.16
N PHE A 286 -1.57 -2.62 7.08
CA PHE A 286 -2.92 -2.29 6.64
C PHE A 286 -3.94 -3.37 7.04
N VAL A 287 -5.21 -2.96 7.14
CA VAL A 287 -6.30 -3.85 7.48
C VAL A 287 -6.93 -4.45 6.22
N ASP A 288 -7.05 -3.63 5.17
CA ASP A 288 -7.57 -4.03 3.86
C ASP A 288 -7.25 -2.95 2.84
N ASN A 289 -7.22 -3.33 1.57
CA ASN A 289 -7.00 -2.39 0.47
C ASN A 289 -8.04 -2.65 -0.62
N HIS A 290 -7.89 -2.01 -1.76
CA HIS A 290 -8.84 -2.19 -2.85
C HIS A 290 -8.93 -3.62 -3.37
N ASP A 291 -7.87 -4.41 -3.19
CA ASP A 291 -7.86 -5.81 -3.66
C ASP A 291 -8.44 -6.80 -2.64
N THR A 292 -7.92 -6.74 -1.41
CA THR A 292 -8.33 -7.64 -0.35
C THR A 292 -9.72 -7.37 0.20
N GLY A 293 -10.08 -6.09 0.26
CA GLY A 293 -11.39 -5.68 0.74
C GLY A 293 -12.18 -5.06 -0.39
N SER A 294 -12.93 -4.00 -0.09
CA SER A 294 -13.74 -3.32 -1.10
C SER A 294 -14.60 -4.37 -1.82
N THR A 295 -14.97 -4.10 -3.07
CA THR A 295 -15.80 -5.03 -3.82
C THR A 295 -15.05 -6.19 -4.46
N GLN A 296 -13.73 -6.22 -4.35
CA GLN A 296 -12.97 -7.33 -4.91
C GLN A 296 -12.90 -8.41 -3.84
N ALA A 297 -12.73 -7.98 -2.59
CA ALA A 297 -12.69 -8.90 -1.46
C ALA A 297 -11.88 -10.17 -1.71
N MET A 298 -10.61 -10.03 -2.06
CA MET A 298 -9.76 -11.19 -2.31
C MET A 298 -9.27 -11.82 -1.01
N TRP A 299 -9.30 -11.05 0.07
CA TRP A 299 -8.77 -11.51 1.35
C TRP A 299 -9.27 -10.53 2.43
N PRO A 300 -10.59 -10.37 2.57
CA PRO A 300 -11.12 -9.44 3.56
C PRO A 300 -10.84 -9.74 5.02
N PHE A 301 -10.74 -8.67 5.78
CA PHE A 301 -10.52 -8.74 7.21
C PHE A 301 -11.88 -9.08 7.81
N PRO A 302 -11.93 -9.97 8.80
CA PRO A 302 -13.22 -10.32 9.42
C PRO A 302 -13.96 -9.01 9.68
N SER A 303 -15.00 -8.74 8.89
CA SER A 303 -15.74 -7.48 8.98
C SER A 303 -16.20 -7.04 10.35
N ASP A 304 -16.51 -7.98 11.22
CA ASP A 304 -16.98 -7.61 12.56
C ASP A 304 -15.83 -7.27 13.52
N LYS A 305 -14.60 -7.44 13.04
CA LYS A 305 -13.44 -7.18 13.90
C LYS A 305 -12.48 -6.14 13.35
N VAL A 306 -12.90 -5.41 12.31
CA VAL A 306 -12.05 -4.41 11.70
C VAL A 306 -11.42 -3.42 12.67
N MET A 307 -12.21 -2.87 13.60
CA MET A 307 -11.65 -1.92 14.55
C MET A 307 -10.52 -2.51 15.39
N GLN A 308 -10.53 -3.84 15.57
CA GLN A 308 -9.45 -4.48 16.32
C GLN A 308 -8.21 -4.39 15.42
N GLY A 309 -8.42 -4.51 14.12
CA GLY A 309 -7.32 -4.43 13.19
C GLY A 309 -6.66 -3.06 13.28
N TYR A 310 -7.47 -2.01 13.41
CA TYR A 310 -6.92 -0.66 13.53
C TYR A 310 -6.30 -0.37 14.88
N ALA A 311 -6.86 -0.92 15.95
CA ALA A 311 -6.30 -0.71 17.27
C ALA A 311 -4.89 -1.28 17.22
N TYR A 312 -4.74 -2.34 16.43
CA TYR A 312 -3.46 -3.01 16.29
C TYR A 312 -2.44 -2.17 15.50
N ILE A 313 -2.68 -1.98 14.21
CA ILE A 313 -1.73 -1.24 13.39
C ILE A 313 -1.54 0.23 13.74
N LEU A 314 -2.57 0.90 14.22
CA LEU A 314 -2.43 2.32 14.55
C LEU A 314 -1.60 2.60 15.80
N THR A 315 -1.41 1.60 16.65
CA THR A 315 -0.64 1.76 17.89
C THR A 315 0.75 1.10 17.81
N HIS A 316 0.94 0.24 16.82
CA HIS A 316 2.17 -0.51 16.66
C HIS A 316 3.22 0.06 15.71
N PRO A 317 4.47 -0.44 15.82
CA PRO A 317 5.51 0.05 14.92
C PRO A 317 5.10 -0.38 13.50
N GLY A 318 5.86 0.08 12.51
CA GLY A 318 5.50 -0.21 11.14
C GLY A 318 4.70 1.02 10.75
N ILE A 319 4.49 1.25 9.45
CA ILE A 319 3.76 2.42 9.02
C ILE A 319 2.33 1.99 8.67
N PRO A 320 1.36 2.34 9.51
CA PRO A 320 -0.03 1.97 9.25
C PRO A 320 -0.65 2.74 8.11
N CYS A 321 -1.51 2.04 7.35
CA CYS A 321 -2.20 2.66 6.24
C CYS A 321 -3.69 2.42 6.42
N ILE A 322 -4.43 3.51 6.57
CA ILE A 322 -5.87 3.46 6.76
C ILE A 322 -6.57 3.31 5.42
N PHE A 323 -7.62 2.50 5.40
CA PHE A 323 -8.38 2.28 4.17
C PHE A 323 -9.59 3.21 4.13
N TYR A 324 -9.76 3.87 2.99
CA TYR A 324 -10.87 4.83 2.79
C TYR A 324 -12.22 4.39 3.36
N ASP A 325 -12.72 3.27 2.88
CA ASP A 325 -14.01 2.74 3.32
C ASP A 325 -14.18 2.75 4.83
N HIS A 326 -13.21 2.15 5.52
CA HIS A 326 -13.24 2.05 6.97
C HIS A 326 -13.37 3.40 7.63
N PHE A 327 -12.62 4.38 7.13
CA PHE A 327 -12.66 5.72 7.70
C PHE A 327 -13.96 6.52 7.48
N PHE A 328 -14.47 6.51 6.25
CA PHE A 328 -15.66 7.28 5.92
C PHE A 328 -16.99 6.55 5.80
N ASN A 329 -16.96 5.27 5.43
CA ASN A 329 -18.21 4.53 5.23
C ASN A 329 -18.62 3.51 6.29
N TRP A 330 -17.67 3.04 7.09
CA TRP A 330 -17.99 2.06 8.10
C TRP A 330 -18.36 2.70 9.43
N GLY A 331 -18.17 4.02 9.52
CA GLY A 331 -18.49 4.72 10.75
C GLY A 331 -17.37 4.71 11.80
N PHE A 332 -16.15 4.42 11.39
CA PHE A 332 -15.03 4.38 12.34
C PHE A 332 -14.20 5.64 12.33
N LYS A 333 -14.65 6.63 11.57
CA LYS A 333 -13.93 7.90 11.47
C LYS A 333 -13.39 8.40 12.81
N ASP A 334 -14.27 8.65 13.76
CA ASP A 334 -13.83 9.17 15.05
C ASP A 334 -12.91 8.25 15.84
N GLN A 335 -13.19 6.96 15.83
CA GLN A 335 -12.35 6.03 16.57
C GLN A 335 -10.97 5.93 15.95
N ILE A 336 -10.90 5.95 14.62
CA ILE A 336 -9.63 5.87 13.93
C ILE A 336 -8.85 7.15 14.16
N ALA A 337 -9.53 8.30 14.12
CA ALA A 337 -8.84 9.56 14.38
C ALA A 337 -8.26 9.55 15.80
N ALA A 338 -9.07 9.13 16.78
CA ALA A 338 -8.61 9.08 18.16
C ALA A 338 -7.39 8.17 18.34
N LEU A 339 -7.35 7.06 17.59
CA LEU A 339 -6.23 6.14 17.71
C LEU A 339 -4.96 6.78 17.12
N VAL A 340 -5.11 7.53 16.04
CA VAL A 340 -3.95 8.19 15.44
C VAL A 340 -3.46 9.28 16.41
N ALA A 341 -4.39 10.02 16.99
CA ALA A 341 -4.06 11.07 17.93
C ALA A 341 -3.19 10.49 19.06
N ILE A 342 -3.57 9.31 19.53
CA ILE A 342 -2.81 8.63 20.57
C ILE A 342 -1.40 8.32 20.09
N ARG A 343 -1.30 7.81 18.86
CA ARG A 343 0.00 7.45 18.28
C ARG A 343 0.87 8.70 18.20
N LYS A 344 0.31 9.76 17.65
CA LYS A 344 1.01 11.02 17.48
C LYS A 344 1.40 11.64 18.81
N ARG A 345 0.42 11.84 19.68
CA ARG A 345 0.65 12.44 20.98
C ARG A 345 1.79 11.76 21.73
N ASN A 346 1.89 10.45 21.60
CA ASN A 346 2.94 9.70 22.28
C ASN A 346 4.24 9.56 21.47
N GLY A 347 4.28 10.21 20.32
CA GLY A 347 5.48 10.15 19.49
C GLY A 347 5.82 8.78 18.95
N ILE A 348 4.80 7.96 18.76
CA ILE A 348 5.01 6.61 18.23
C ILE A 348 5.33 6.70 16.75
N THR A 349 6.34 5.96 16.32
CA THR A 349 6.73 5.95 14.91
C THR A 349 6.89 4.51 14.44
N ALA A 350 7.20 4.35 13.16
CA ALA A 350 7.38 3.03 12.59
C ALA A 350 8.41 2.20 13.34
N THR A 351 9.37 2.86 13.99
CA THR A 351 10.41 2.12 14.69
C THR A 351 10.25 2.02 16.21
N SER A 352 9.08 2.41 16.71
CA SER A 352 8.80 2.34 18.14
C SER A 352 9.04 0.92 18.69
N ALA A 353 9.35 0.85 19.98
CA ALA A 353 9.60 -0.42 20.67
C ALA A 353 8.30 -1.12 21.02
N LEU A 354 8.24 -2.42 20.77
CA LEU A 354 7.06 -3.21 21.07
C LEU A 354 7.33 -4.33 22.08
N LYS A 355 6.66 -4.23 23.22
CA LYS A 355 6.81 -5.22 24.29
C LYS A 355 5.44 -5.88 24.49
N ILE A 356 5.31 -7.10 23.98
CA ILE A 356 4.07 -7.86 24.08
C ILE A 356 3.86 -8.43 25.49
N LEU A 357 2.74 -8.06 26.12
CA LEU A 357 2.43 -8.49 27.50
C LEU A 357 1.56 -9.75 27.62
N MET A 358 0.75 -10.03 26.60
CA MET A 358 -0.13 -11.19 26.63
C MET A 358 -0.47 -11.55 25.20
N HIS A 359 -0.45 -12.85 24.91
CA HIS A 359 -0.75 -13.32 23.57
C HIS A 359 -1.48 -14.66 23.59
N GLU A 360 -2.68 -14.62 24.15
CA GLU A 360 -3.53 -15.79 24.24
C GLU A 360 -4.65 -15.71 23.21
N GLY A 361 -5.29 -16.85 22.98
CA GLY A 361 -6.37 -16.94 22.00
C GLY A 361 -7.31 -15.75 21.92
N ASP A 362 -7.88 -15.36 23.04
CA ASP A 362 -8.84 -14.27 23.06
C ASP A 362 -8.34 -12.99 23.71
N ALA A 363 -7.03 -12.83 23.80
CA ALA A 363 -6.47 -11.62 24.38
C ALA A 363 -5.03 -11.34 23.98
N TYR A 364 -4.82 -10.19 23.36
CA TYR A 364 -3.50 -9.72 22.94
C TYR A 364 -3.33 -8.36 23.60
N VAL A 365 -2.28 -8.20 24.38
CA VAL A 365 -2.03 -6.92 25.05
C VAL A 365 -0.57 -6.58 24.83
N ALA A 366 -0.31 -5.39 24.30
CA ALA A 366 1.05 -4.97 24.02
C ALA A 366 1.30 -3.54 24.48
N GLU A 367 2.56 -3.26 24.82
CA GLU A 367 2.97 -1.94 25.28
C GLU A 367 3.98 -1.32 24.30
N ILE A 368 3.69 -0.13 23.80
CA ILE A 368 4.56 0.54 22.84
C ILE A 368 5.34 1.73 23.42
N ASP A 369 6.66 1.69 23.31
CA ASP A 369 7.52 2.75 23.81
C ASP A 369 7.26 3.06 25.27
N GLY A 370 6.77 2.06 26.01
CA GLY A 370 6.49 2.23 27.42
C GLY A 370 5.50 3.35 27.70
N LYS A 371 4.75 3.75 26.67
CA LYS A 371 3.80 4.85 26.81
C LYS A 371 2.36 4.52 26.46
N VAL A 372 2.17 3.50 25.61
CA VAL A 372 0.84 3.11 25.18
C VAL A 372 0.59 1.62 25.27
N VAL A 373 -0.50 1.24 25.93
CA VAL A 373 -0.85 -0.17 26.03
C VAL A 373 -2.13 -0.35 25.24
N VAL A 374 -2.16 -1.41 24.44
CA VAL A 374 -3.30 -1.71 23.60
C VAL A 374 -3.71 -3.15 23.83
N LYS A 375 -5.01 -3.41 23.67
CA LYS A 375 -5.53 -4.74 23.85
C LYS A 375 -6.62 -5.00 22.83
N ILE A 376 -6.67 -6.22 22.32
CA ILE A 376 -7.70 -6.61 21.39
C ILE A 376 -8.09 -8.02 21.79
N GLY A 377 -9.33 -8.40 21.49
CA GLY A 377 -9.78 -9.74 21.82
C GLY A 377 -11.14 -9.72 22.48
N SER A 378 -11.78 -10.88 22.55
CA SER A 378 -13.09 -10.97 23.16
C SER A 378 -13.05 -11.08 24.68
N ARG A 379 -11.89 -11.44 25.24
CA ARG A 379 -11.77 -11.53 26.70
C ARG A 379 -11.89 -10.12 27.25
N TYR A 380 -12.84 -9.90 28.14
CA TYR A 380 -13.03 -8.58 28.69
C TYR A 380 -11.97 -8.11 29.69
N ASP A 381 -11.69 -8.95 30.69
CA ASP A 381 -10.73 -8.56 31.71
C ASP A 381 -9.27 -8.95 31.46
N VAL A 382 -8.41 -7.94 31.34
CA VAL A 382 -6.97 -8.13 31.16
C VAL A 382 -6.28 -7.15 32.10
N GLY A 383 -7.06 -6.60 33.04
CA GLY A 383 -6.54 -5.64 33.99
C GLY A 383 -5.32 -6.06 34.77
N ALA A 384 -5.18 -7.36 35.01
CA ALA A 384 -4.03 -7.84 35.78
C ALA A 384 -2.72 -7.65 35.04
N VAL A 385 -2.79 -7.56 33.72
CA VAL A 385 -1.57 -7.40 32.93
C VAL A 385 -1.28 -5.95 32.56
N ILE A 386 -2.22 -5.05 32.83
CA ILE A 386 -2.03 -3.64 32.52
C ILE A 386 -1.02 -3.02 33.50
N PRO A 387 0.10 -2.51 32.98
CA PRO A 387 1.11 -1.91 33.87
C PRO A 387 0.55 -0.80 34.76
N ALA A 388 1.19 -0.61 35.91
CA ALA A 388 0.75 0.42 36.84
C ALA A 388 0.84 1.81 36.21
N GLY A 389 -0.10 2.68 36.55
CA GLY A 389 -0.09 4.04 36.02
C GLY A 389 -0.85 4.28 34.72
N PHE A 390 -1.25 3.21 34.04
CA PHE A 390 -1.98 3.36 32.80
C PHE A 390 -3.47 3.52 33.02
N VAL A 391 -4.09 4.41 32.23
CA VAL A 391 -5.53 4.68 32.30
C VAL A 391 -6.12 4.59 30.90
N THR A 392 -7.31 4.02 30.79
CA THR A 392 -7.94 3.88 29.47
C THR A 392 -8.09 5.22 28.79
N SER A 393 -7.76 5.26 27.51
CA SER A 393 -7.82 6.48 26.71
C SER A 393 -8.86 6.34 25.61
N ALA A 394 -8.98 5.15 25.05
CA ALA A 394 -9.95 4.90 24.00
C ALA A 394 -10.37 3.44 24.07
N HIS A 395 -11.61 3.17 23.64
CA HIS A 395 -12.10 1.81 23.65
C HIS A 395 -13.23 1.61 22.66
N GLY A 396 -13.49 0.34 22.34
CA GLY A 396 -14.54 -0.01 21.41
C GLY A 396 -14.77 -1.51 21.43
N ASN A 397 -15.40 -2.02 20.38
CA ASN A 397 -15.70 -3.45 20.29
C ASN A 397 -14.44 -4.32 20.29
N ASP A 398 -14.23 -5.00 21.42
CA ASP A 398 -13.09 -5.90 21.61
C ASP A 398 -11.71 -5.26 21.51
N TYR A 399 -11.60 -4.00 21.92
CA TYR A 399 -10.31 -3.32 21.92
C TYR A 399 -10.34 -2.17 22.93
N ALA A 400 -9.17 -1.83 23.44
CA ALA A 400 -9.02 -0.73 24.40
C ALA A 400 -7.57 -0.25 24.37
N VAL A 401 -7.38 1.03 24.64
CA VAL A 401 -6.04 1.60 24.65
C VAL A 401 -5.84 2.43 25.90
N TRP A 402 -4.70 2.23 26.56
CA TRP A 402 -4.36 2.95 27.78
C TRP A 402 -3.16 3.88 27.52
N GLU A 403 -3.12 4.98 28.26
CA GLU A 403 -2.02 5.92 28.16
C GLU A 403 -1.51 6.21 29.57
N LYS A 404 -0.23 6.55 29.64
CA LYS A 404 0.45 6.86 30.89
C LYS A 404 1.16 8.20 30.72
#